data_4KSF
#
_entry.id   4KSF
#
_cell.length_a   100.412
_cell.length_b   100.412
_cell.length_c   242.736
_cell.angle_alpha   90.000
_cell.angle_beta   90.000
_cell.angle_gamma   90.000
#
_symmetry.space_group_name_H-M   'I 41 2 2'
#
loop_
_entity.id
_entity.type
_entity.pdbx_description
1 polymer 'Malonyl-CoA decarboxylase'
2 non-polymer 'NICKEL (II) ION'
3 non-polymer 'CHLORIDE ION'
4 water water
#
_entity_poly.entity_id   1
_entity_poly.type   'polypeptide(L)'
_entity_poly.pdbx_seq_one_letter_code
;(MSE)AGTSFLSDLLSGVTERGRALLFSGSKARDRVVDTDIETLCE(MSE)LLSSRGEASG(MSE)AIAAEILDRWSRFN
AAEAVQFLH(MSE)LSDRFGAEAAALDKAIDAYRTDKSP(MSE)AVIALHNAAEPRRQELLRRLNLAPNGTQKLVR
(MSE)RERLLETKEDRADLGAVDTDFAHLFSSWFNRGFLTLQPIDWTTPAHILEKIIKYEAVHEIAGWEELRRRLAPADR
RCFAFFHPRLRDDPLVFVEVALTRSIPSAIADVLDESRDHIGADTATTAVFYSISNCQDGLRGISFGNFLIKQVVEDLRR
DLPGLKEFVTLSPVPGFARWISKIRDPKSGFPLSPEDRNTLVLLDDPTWPEDKARADAVERILLPLAARYFITERTPDNR
PVDPVARFHLGNGARLERLNFLGDRSVKA(MSE)RQAHGL(MSE)VNYLYKLEDIETNHEALAQRGEVAASPAVKALQGK
IEPILEHHHHHH
;
_entity_poly.pdbx_strand_id   A
#
loop_
_chem_comp.id
_chem_comp.type
_chem_comp.name
_chem_comp.formula
CL non-polymer 'CHLORIDE ION' 'Cl -1'
NI non-polymer 'NICKEL (II) ION' 'Ni 2'
#
# COMPACT_ATOMS: atom_id res chain seq x y z
N THR A 35 10.35 -9.58 -32.93
CA THR A 35 9.94 -9.71 -34.36
C THR A 35 8.94 -10.87 -34.54
N ASP A 36 9.43 -12.09 -34.43
CA ASP A 36 8.56 -13.26 -34.55
C ASP A 36 7.81 -13.29 -33.22
N ILE A 37 8.48 -12.79 -32.18
CA ILE A 37 7.95 -12.72 -30.81
C ILE A 37 6.76 -11.73 -30.73
N GLU A 38 6.01 -11.64 -31.83
CA GLU A 38 4.87 -10.72 -31.90
C GLU A 38 3.81 -11.29 -32.85
N THR A 39 4.02 -12.53 -33.26
CA THR A 39 3.12 -13.24 -34.15
C THR A 39 2.84 -14.51 -33.38
N LEU A 40 3.68 -14.74 -32.37
CA LEU A 40 3.57 -15.89 -31.50
C LEU A 40 2.25 -15.73 -30.78
N CYS A 41 2.09 -14.57 -30.15
CA CYS A 41 0.87 -14.25 -29.42
C CYS A 41 -0.32 -14.52 -30.32
N GLU A 42 -0.23 -14.04 -31.55
CA GLU A 42 -1.32 -14.21 -32.52
C GLU A 42 -1.77 -15.65 -32.56
N MSE A 43 -0.83 -16.55 -32.34
CA MSE A 43 -1.12 -17.97 -32.33
C MSE A 43 -1.69 -18.42 -31.00
O MSE A 43 -2.43 -19.40 -30.94
CB MSE A 43 0.14 -18.76 -32.60
CG MSE A 43 0.83 -18.43 -33.89
SE MSE A 43 2.07 -19.86 -34.22
CE MSE A 43 0.77 -21.24 -34.69
N LEU A 44 -1.31 -17.72 -29.94
CA LEU A 44 -1.79 -18.05 -28.60
C LEU A 44 -3.29 -17.85 -28.52
N LEU A 45 -3.81 -16.96 -29.37
CA LEU A 45 -5.24 -16.69 -29.39
C LEU A 45 -6.00 -17.60 -30.34
N SER A 46 -5.29 -18.16 -31.33
CA SER A 46 -5.90 -19.05 -32.31
C SER A 46 -5.92 -20.51 -31.87
N SER A 47 -5.01 -20.84 -30.96
CA SER A 47 -4.88 -22.20 -30.44
C SER A 47 -6.04 -22.61 -29.52
N ARG A 48 -7.23 -22.79 -30.11
CA ARG A 48 -8.44 -23.15 -29.37
C ARG A 48 -8.28 -24.27 -28.35
N GLY A 49 -9.00 -25.37 -28.55
CA GLY A 49 -8.93 -26.49 -27.64
C GLY A 49 -7.70 -27.34 -27.84
N GLU A 50 -6.60 -26.68 -28.21
CA GLU A 50 -5.32 -27.34 -28.46
C GLU A 50 -4.72 -27.90 -27.17
N ALA A 51 -4.72 -27.06 -26.12
CA ALA A 51 -4.18 -27.45 -24.83
C ALA A 51 -2.66 -27.62 -24.96
N SER A 52 -2.08 -26.91 -25.92
CA SER A 52 -0.65 -26.97 -26.21
C SER A 52 -0.01 -25.59 -26.16
N GLY A 53 -0.83 -24.56 -26.28
CA GLY A 53 -0.32 -23.20 -26.26
C GLY A 53 0.62 -22.89 -25.10
N MSE A 54 0.65 -23.75 -24.08
CA MSE A 54 1.53 -23.52 -22.93
C MSE A 54 2.93 -23.28 -23.43
O MSE A 54 3.65 -22.43 -22.90
CB MSE A 54 1.53 -24.72 -21.99
CG MSE A 54 0.20 -24.96 -21.29
SE MSE A 54 0.09 -26.57 -20.21
CE MSE A 54 0.98 -25.91 -18.61
N ALA A 55 3.31 -24.01 -24.47
CA ALA A 55 4.62 -23.86 -25.07
C ALA A 55 4.70 -22.48 -25.70
N ILE A 56 3.60 -22.07 -26.33
CA ILE A 56 3.52 -20.75 -26.96
C ILE A 56 3.69 -19.72 -25.87
N ALA A 57 2.88 -19.86 -24.83
CA ALA A 57 2.91 -18.96 -23.69
C ALA A 57 4.34 -18.90 -23.18
N ALA A 58 4.88 -20.09 -22.89
CA ALA A 58 6.23 -20.23 -22.38
C ALA A 58 7.19 -19.39 -23.22
N GLU A 59 7.48 -19.88 -24.43
CA GLU A 59 8.38 -19.18 -25.34
C GLU A 59 8.19 -17.68 -25.37
N ILE A 60 6.95 -17.24 -25.59
CA ILE A 60 6.66 -15.80 -25.62
C ILE A 60 7.14 -15.12 -24.34
N LEU A 61 7.03 -15.81 -23.20
CA LEU A 61 7.44 -15.28 -21.92
C LEU A 61 8.96 -15.23 -21.69
N ASP A 62 9.68 -16.12 -22.38
CA ASP A 62 11.14 -16.17 -22.26
C ASP A 62 11.79 -15.21 -23.26
N ARG A 63 11.21 -15.13 -24.46
CA ARG A 63 11.72 -14.23 -25.47
C ARG A 63 11.47 -12.84 -24.93
N TRP A 64 10.64 -12.78 -23.91
CA TRP A 64 10.32 -11.53 -23.24
C TRP A 64 11.35 -11.38 -22.14
N SER A 65 11.63 -12.49 -21.44
CA SER A 65 12.62 -12.50 -20.36
C SER A 65 13.76 -11.61 -20.81
N ARG A 66 14.25 -11.87 -22.03
CA ARG A 66 15.33 -11.09 -22.62
C ARG A 66 14.71 -10.02 -23.49
N PHE A 67 15.15 -8.78 -23.30
CA PHE A 67 14.65 -7.63 -24.06
C PHE A 67 15.46 -6.40 -23.67
N ASN A 68 15.07 -5.25 -24.20
CA ASN A 68 15.73 -3.98 -23.92
C ASN A 68 14.64 -2.93 -23.70
N ALA A 69 14.99 -1.84 -23.03
CA ALA A 69 14.01 -0.77 -22.76
C ALA A 69 13.36 -0.25 -24.05
N ALA A 70 13.97 -0.56 -25.20
CA ALA A 70 13.45 -0.12 -26.49
C ALA A 70 12.72 -1.26 -27.18
N GLU A 71 12.70 -2.42 -26.53
CA GLU A 71 12.01 -3.60 -27.05
C GLU A 71 10.82 -3.84 -26.12
N ALA A 72 11.12 -3.92 -24.83
CA ALA A 72 10.11 -4.13 -23.82
C ALA A 72 9.05 -3.03 -23.96
N VAL A 73 9.40 -1.95 -24.63
CA VAL A 73 8.46 -0.84 -24.85
C VAL A 73 7.70 -1.05 -26.16
N GLN A 74 8.38 -1.65 -27.14
CA GLN A 74 7.78 -1.91 -28.45
C GLN A 74 6.90 -3.16 -28.40
N PHE A 75 6.78 -3.72 -27.20
CA PHE A 75 5.95 -4.89 -26.98
C PHE A 75 4.69 -4.41 -26.29
N LEU A 76 4.87 -3.54 -25.31
CA LEU A 76 3.76 -2.98 -24.55
C LEU A 76 2.97 -2.00 -25.41
N HIS A 77 3.44 -1.80 -26.65
CA HIS A 77 2.76 -0.89 -27.56
C HIS A 77 1.96 -1.70 -28.56
N MSE A 78 2.66 -2.52 -29.32
CA MSE A 78 2.00 -3.36 -30.31
C MSE A 78 1.04 -4.31 -29.62
O MSE A 78 0.42 -5.16 -30.26
CB MSE A 78 3.05 -4.16 -31.11
CG MSE A 78 3.83 -5.19 -30.30
SE MSE A 78 2.90 -6.89 -30.04
CE MSE A 78 2.35 -7.23 -31.87
N LEU A 79 0.93 -4.15 -28.31
CA LEU A 79 0.04 -4.96 -27.48
C LEU A 79 -1.27 -4.21 -27.46
N SER A 80 -1.14 -2.88 -27.34
CA SER A 80 -2.29 -2.01 -27.30
C SER A 80 -2.60 -1.50 -28.69
N ASP A 81 -1.61 -1.54 -29.56
CA ASP A 81 -1.76 -1.05 -30.92
C ASP A 81 -2.41 -2.09 -31.85
N ARG A 82 -2.46 -3.34 -31.42
CA ARG A 82 -3.03 -4.39 -32.24
C ARG A 82 -3.86 -5.36 -31.42
N PHE A 83 -3.52 -5.51 -30.15
CA PHE A 83 -4.24 -6.43 -29.29
C PHE A 83 -5.25 -5.75 -28.40
N GLY A 84 -6.25 -5.15 -29.02
CA GLY A 84 -7.29 -4.48 -28.29
C GLY A 84 -8.60 -5.04 -28.80
N ALA A 85 -9.70 -4.33 -28.56
CA ALA A 85 -11.00 -4.80 -29.01
C ALA A 85 -11.17 -4.62 -30.53
N GLU A 86 -11.64 -5.67 -31.18
CA GLU A 86 -11.88 -5.65 -32.62
C GLU A 86 -13.13 -4.78 -32.82
N ALA A 87 -12.93 -3.50 -33.12
CA ALA A 87 -14.03 -2.55 -33.32
C ALA A 87 -15.09 -2.98 -34.31
N ALA A 88 -14.71 -3.79 -35.30
CA ALA A 88 -15.67 -4.26 -36.27
C ALA A 88 -16.81 -5.00 -35.54
N ALA A 89 -16.46 -6.05 -34.81
CA ALA A 89 -17.47 -6.84 -34.09
C ALA A 89 -18.16 -6.04 -32.98
N LEU A 90 -17.48 -5.03 -32.45
CA LEU A 90 -18.05 -4.22 -31.38
C LEU A 90 -19.18 -3.37 -31.90
N ASP A 91 -18.97 -2.74 -33.04
CA ASP A 91 -20.02 -1.90 -33.62
C ASP A 91 -21.16 -2.86 -34.01
N LYS A 92 -20.81 -3.96 -34.67
CA LYS A 92 -21.82 -4.94 -35.06
C LYS A 92 -22.69 -5.23 -33.84
N ALA A 93 -22.10 -5.09 -32.66
CA ALA A 93 -22.79 -5.33 -31.39
C ALA A 93 -23.58 -4.10 -30.93
N ILE A 94 -22.95 -2.92 -30.93
CA ILE A 94 -23.66 -1.73 -30.51
C ILE A 94 -24.82 -1.60 -31.50
N ASP A 95 -24.64 -2.24 -32.65
CA ASP A 95 -25.65 -2.28 -33.71
C ASP A 95 -26.88 -2.99 -33.17
N ALA A 96 -26.75 -4.30 -32.98
CA ALA A 96 -27.84 -5.12 -32.48
C ALA A 96 -28.47 -4.53 -31.21
N TYR A 97 -27.66 -3.87 -30.40
CA TYR A 97 -28.16 -3.32 -29.16
C TYR A 97 -29.09 -2.14 -29.32
N ARG A 98 -28.94 -1.37 -30.40
CA ARG A 98 -29.79 -0.19 -30.57
C ARG A 98 -31.28 -0.52 -30.38
N THR A 99 -31.67 -1.74 -30.74
CA THR A 99 -33.06 -2.19 -30.63
C THR A 99 -33.25 -3.41 -29.73
N ASP A 100 -32.14 -4.03 -29.34
CA ASP A 100 -32.18 -5.20 -28.47
C ASP A 100 -31.54 -4.89 -27.12
N LYS A 101 -32.35 -4.49 -26.14
CA LYS A 101 -31.78 -4.19 -24.84
C LYS A 101 -32.02 -5.32 -23.84
N SER A 102 -32.13 -6.55 -24.35
CA SER A 102 -32.37 -7.71 -23.49
C SER A 102 -31.03 -8.30 -23.07
N PRO A 103 -30.87 -8.64 -21.77
CA PRO A 103 -29.67 -9.22 -21.15
C PRO A 103 -28.71 -10.00 -22.06
N MSE A 104 -29.27 -10.73 -23.02
CA MSE A 104 -28.45 -11.49 -23.94
C MSE A 104 -27.63 -10.62 -24.87
O MSE A 104 -26.61 -11.06 -25.42
CB MSE A 104 -29.34 -12.43 -24.76
CG MSE A 104 -29.54 -13.79 -24.12
SE MSE A 104 -27.82 -14.56 -23.55
CE MSE A 104 -26.87 -14.39 -25.24
N ALA A 105 -28.09 -9.38 -25.06
CA ALA A 105 -27.44 -8.41 -25.92
C ALA A 105 -26.30 -7.70 -25.18
N VAL A 106 -26.61 -7.26 -23.96
CA VAL A 106 -25.65 -6.58 -23.11
C VAL A 106 -24.46 -7.51 -22.95
N ILE A 107 -24.70 -8.82 -23.04
CA ILE A 107 -23.63 -9.81 -22.94
C ILE A 107 -22.78 -9.73 -24.21
N ALA A 108 -23.39 -9.91 -25.37
CA ALA A 108 -22.65 -9.84 -26.62
C ALA A 108 -21.90 -8.51 -26.68
N LEU A 109 -22.48 -7.46 -26.11
CA LEU A 109 -21.84 -6.15 -26.10
C LEU A 109 -20.61 -6.20 -25.20
N HIS A 110 -20.84 -6.49 -23.92
CA HIS A 110 -19.77 -6.59 -22.92
C HIS A 110 -18.62 -7.46 -23.45
N ASN A 111 -18.95 -8.44 -24.27
CA ASN A 111 -17.96 -9.33 -24.85
C ASN A 111 -17.13 -8.65 -25.93
N ALA A 112 -17.80 -8.15 -26.96
CA ALA A 112 -17.11 -7.47 -28.05
C ALA A 112 -16.22 -6.35 -27.48
N ALA A 113 -16.72 -5.71 -26.43
CA ALA A 113 -16.01 -4.60 -25.79
C ALA A 113 -14.71 -5.01 -25.13
N GLU A 114 -14.47 -6.32 -25.05
CA GLU A 114 -13.27 -6.81 -24.41
C GLU A 114 -12.00 -6.85 -25.26
N PRO A 115 -10.94 -6.14 -24.82
CA PRO A 115 -9.68 -6.14 -25.57
C PRO A 115 -9.10 -7.54 -25.68
N ARG A 116 -8.55 -7.88 -26.85
CA ARG A 116 -7.96 -9.21 -27.10
C ARG A 116 -6.72 -9.47 -26.26
N ARG A 117 -6.11 -8.40 -25.78
CA ARG A 117 -4.93 -8.53 -24.96
C ARG A 117 -5.32 -9.02 -23.58
N GLN A 118 -6.62 -9.20 -23.38
CA GLN A 118 -7.08 -9.69 -22.08
C GLN A 118 -6.99 -11.19 -22.11
N GLU A 119 -7.43 -11.78 -23.20
CA GLU A 119 -7.35 -13.23 -23.31
C GLU A 119 -5.89 -13.61 -23.32
N LEU A 120 -5.14 -12.93 -24.16
CA LEU A 120 -3.72 -13.17 -24.28
C LEU A 120 -3.08 -13.36 -22.91
N LEU A 121 -3.46 -12.51 -21.97
CA LEU A 121 -2.91 -12.57 -20.62
C LEU A 121 -3.37 -13.86 -19.94
N ARG A 122 -4.66 -14.11 -19.98
CA ARG A 122 -5.23 -15.32 -19.38
C ARG A 122 -4.49 -16.53 -19.97
N ARG A 123 -4.33 -16.54 -21.29
CA ARG A 123 -3.65 -17.63 -21.97
C ARG A 123 -2.16 -17.69 -21.63
N LEU A 124 -1.57 -16.52 -21.38
CA LEU A 124 -0.15 -16.41 -21.03
C LEU A 124 0.10 -16.96 -19.64
N ASN A 125 -0.93 -16.90 -18.81
CA ASN A 125 -0.87 -17.38 -17.45
C ASN A 125 -0.59 -18.87 -17.37
N LEU A 126 -0.81 -19.60 -18.46
CA LEU A 126 -0.58 -21.05 -18.48
C LEU A 126 0.88 -21.47 -18.46
N ALA A 127 1.75 -20.59 -18.93
CA ALA A 127 3.17 -20.85 -18.97
C ALA A 127 3.67 -21.16 -17.57
N PRO A 128 4.69 -22.04 -17.44
CA PRO A 128 5.22 -22.37 -16.11
C PRO A 128 5.51 -21.08 -15.32
N ASN A 129 4.94 -21.00 -14.11
CA ASN A 129 5.06 -19.81 -13.26
C ASN A 129 4.62 -18.55 -14.01
N GLY A 130 3.85 -18.74 -15.08
CA GLY A 130 3.38 -17.65 -15.91
C GLY A 130 2.77 -16.45 -15.19
N THR A 131 2.20 -16.66 -14.01
CA THR A 131 1.61 -15.55 -13.29
C THR A 131 2.66 -14.57 -12.85
N GLN A 132 3.64 -15.08 -12.10
CA GLN A 132 4.75 -14.26 -11.60
C GLN A 132 5.41 -13.50 -12.76
N LYS A 133 5.62 -14.19 -13.88
CA LYS A 133 6.22 -13.60 -15.06
C LYS A 133 5.38 -12.47 -15.63
N LEU A 134 4.06 -12.60 -15.53
CA LEU A 134 3.14 -11.58 -16.02
C LEU A 134 3.05 -10.42 -15.03
N VAL A 135 3.38 -10.70 -13.78
CA VAL A 135 3.33 -9.65 -12.74
C VAL A 135 4.54 -8.73 -12.85
N ARG A 136 5.70 -9.33 -13.07
CA ARG A 136 6.93 -8.56 -13.22
C ARG A 136 6.80 -7.78 -14.52
N MSE A 137 5.95 -8.26 -15.42
CA MSE A 137 5.74 -7.59 -16.69
C MSE A 137 4.93 -6.31 -16.51
O MSE A 137 5.29 -5.27 -17.04
CB MSE A 137 5.01 -8.50 -17.68
CG MSE A 137 4.99 -7.93 -19.08
SE MSE A 137 3.87 -8.87 -20.34
CE MSE A 137 4.69 -10.62 -20.32
N ARG A 138 3.84 -6.39 -15.75
CA ARG A 138 3.02 -5.20 -15.51
C ARG A 138 3.88 -4.20 -14.77
N GLU A 139 4.97 -4.69 -14.19
CA GLU A 139 5.90 -3.86 -13.45
C GLU A 139 6.69 -2.98 -14.43
N ARG A 140 7.23 -3.60 -15.48
CA ARG A 140 8.01 -2.89 -16.51
C ARG A 140 7.15 -1.90 -17.27
N LEU A 141 5.83 -2.10 -17.17
CA LEU A 141 4.89 -1.21 -17.81
C LEU A 141 4.80 0.02 -16.92
N LEU A 142 4.35 -0.19 -15.69
CA LEU A 142 4.19 0.89 -14.72
C LEU A 142 5.36 1.87 -14.64
N GLU A 143 6.55 1.41 -15.02
CA GLU A 143 7.74 2.27 -15.01
C GLU A 143 7.47 3.38 -16.04
N THR A 144 7.10 2.96 -17.24
CA THR A 144 6.82 3.89 -18.31
C THR A 144 5.43 4.53 -18.14
N ARG A 148 3.02 7.19 -22.61
CA ARG A 148 1.87 7.71 -23.32
C ARG A 148 0.57 7.33 -22.58
N ALA A 149 -0.58 7.76 -23.10
CA ALA A 149 -1.88 7.47 -22.48
C ALA A 149 -2.54 6.19 -23.02
N ASP A 150 -1.97 5.63 -24.08
CA ASP A 150 -2.50 4.40 -24.66
C ASP A 150 -2.13 3.24 -23.73
N LEU A 151 -1.05 3.43 -23.00
CA LEU A 151 -0.56 2.45 -22.04
C LEU A 151 -1.51 2.36 -20.85
N GLY A 152 -2.08 3.50 -20.47
CA GLY A 152 -3.01 3.50 -19.36
C GLY A 152 -4.16 2.54 -19.61
N ALA A 153 -4.38 2.23 -20.88
CA ALA A 153 -5.42 1.31 -21.29
C ALA A 153 -4.92 -0.13 -21.28
N VAL A 154 -3.69 -0.34 -21.73
CA VAL A 154 -3.14 -1.69 -21.75
C VAL A 154 -2.88 -2.12 -20.32
N ASP A 155 -2.90 -1.20 -19.38
CA ASP A 155 -2.66 -1.56 -18.00
C ASP A 155 -3.94 -1.96 -17.31
N THR A 156 -5.01 -1.19 -17.50
CA THR A 156 -6.28 -1.51 -16.86
C THR A 156 -6.64 -2.99 -16.95
N ASP A 157 -6.26 -3.60 -18.06
CA ASP A 157 -6.51 -5.01 -18.28
C ASP A 157 -5.63 -5.82 -17.36
N PHE A 158 -4.36 -5.44 -17.25
CA PHE A 158 -3.49 -6.14 -16.33
C PHE A 158 -4.20 -6.10 -14.98
N ALA A 159 -4.64 -4.92 -14.59
CA ALA A 159 -5.33 -4.73 -13.33
C ALA A 159 -6.61 -5.58 -13.23
N HIS A 160 -7.44 -5.55 -14.25
CA HIS A 160 -8.69 -6.33 -14.23
C HIS A 160 -8.44 -7.80 -13.91
N LEU A 161 -7.36 -8.34 -14.45
CA LEU A 161 -7.06 -9.74 -14.21
C LEU A 161 -6.38 -9.95 -12.87
N PHE A 162 -5.50 -9.02 -12.50
CA PHE A 162 -4.84 -9.15 -11.22
C PHE A 162 -5.82 -9.01 -10.07
N SER A 163 -6.83 -8.19 -10.24
CA SER A 163 -7.84 -7.96 -9.21
C SER A 163 -8.69 -9.19 -8.93
N SER A 164 -8.68 -10.15 -9.86
CA SER A 164 -9.46 -11.38 -9.66
C SER A 164 -8.52 -12.51 -9.29
N TRP A 165 -7.41 -12.62 -10.03
CA TRP A 165 -6.42 -13.64 -9.74
C TRP A 165 -5.92 -13.50 -8.31
N PHE A 166 -5.72 -12.26 -7.87
CA PHE A 166 -5.26 -12.01 -6.51
C PHE A 166 -6.39 -11.60 -5.62
N ASN A 167 -7.56 -12.17 -5.88
CA ASN A 167 -8.73 -11.91 -5.07
C ASN A 167 -8.32 -12.37 -3.68
N ARG A 168 -8.61 -11.58 -2.65
CA ARG A 168 -8.23 -11.93 -1.30
C ARG A 168 -8.68 -13.33 -0.88
N GLY A 169 -9.71 -13.86 -1.52
CA GLY A 169 -10.16 -15.19 -1.18
C GLY A 169 -9.13 -16.26 -1.53
N PHE A 170 -8.17 -15.92 -2.39
CA PHE A 170 -7.15 -16.88 -2.81
C PHE A 170 -5.80 -16.62 -2.18
N LEU A 171 -5.79 -15.83 -1.13
CA LEU A 171 -4.55 -15.49 -0.43
C LEU A 171 -4.61 -16.06 1.00
N THR A 172 -3.52 -16.67 1.44
CA THR A 172 -3.46 -17.21 2.79
C THR A 172 -2.52 -16.36 3.65
N LEU A 173 -2.95 -16.03 4.86
CA LEU A 173 -2.12 -15.27 5.80
C LEU A 173 -1.19 -16.24 6.52
N GLN A 174 0.11 -16.07 6.30
CA GLN A 174 1.14 -16.92 6.87
C GLN A 174 1.94 -16.17 7.94
N PRO A 175 2.29 -16.85 9.03
CA PRO A 175 3.05 -16.11 10.02
C PRO A 175 4.51 -16.15 9.61
N ILE A 176 5.18 -15.01 9.77
CA ILE A 176 6.59 -14.88 9.45
C ILE A 176 7.39 -14.68 10.71
N ASP A 177 8.41 -15.52 10.90
CA ASP A 177 9.27 -15.41 12.07
C ASP A 177 10.63 -16.04 11.81
N TRP A 178 11.43 -16.23 12.87
CA TRP A 178 12.75 -16.80 12.70
C TRP A 178 12.76 -18.19 12.07
N THR A 179 11.60 -18.84 12.06
CA THR A 179 11.48 -20.18 11.49
C THR A 179 11.33 -20.21 9.99
N THR A 180 10.49 -19.33 9.46
CA THR A 180 10.27 -19.33 8.02
C THR A 180 11.57 -19.31 7.27
N PRO A 181 11.64 -20.04 6.12
CA PRO A 181 12.80 -20.15 5.25
C PRO A 181 13.52 -18.80 5.00
N ALA A 182 14.83 -18.86 4.83
CA ALA A 182 15.62 -17.65 4.68
C ALA A 182 15.55 -16.93 3.33
N HIS A 183 15.42 -17.67 2.24
CA HIS A 183 15.36 -17.03 0.93
C HIS A 183 14.15 -16.09 0.82
N ILE A 184 13.16 -16.32 1.66
CA ILE A 184 11.96 -15.49 1.66
C ILE A 184 12.10 -14.43 2.75
N LEU A 185 12.81 -14.80 3.81
CA LEU A 185 13.04 -13.92 4.94
C LEU A 185 13.87 -12.76 4.47
N GLU A 186 14.82 -13.03 3.59
CA GLU A 186 15.71 -12.01 3.06
C GLU A 186 14.93 -10.98 2.24
N LYS A 187 13.86 -11.43 1.59
CA LYS A 187 13.04 -10.53 0.81
C LYS A 187 12.40 -9.55 1.78
N ILE A 188 12.10 -9.99 2.99
CA ILE A 188 11.51 -9.11 4.01
C ILE A 188 12.47 -7.93 4.30
N ILE A 189 13.76 -8.22 4.47
CA ILE A 189 14.75 -7.19 4.73
C ILE A 189 14.71 -6.19 3.58
N LYS A 190 14.59 -6.73 2.37
CA LYS A 190 14.57 -5.96 1.14
C LYS A 190 13.40 -5.01 1.01
N TYR A 191 12.20 -5.55 1.22
CA TYR A 191 10.97 -4.77 1.08
C TYR A 191 10.53 -3.91 2.25
N GLU A 192 11.29 -3.90 3.33
CA GLU A 192 10.89 -3.08 4.46
C GLU A 192 10.95 -1.64 4.02
N ALA A 193 9.78 -1.06 3.75
CA ALA A 193 9.69 0.32 3.29
C ALA A 193 9.81 1.35 4.41
N VAL A 194 8.94 1.26 5.42
CA VAL A 194 8.95 2.24 6.49
C VAL A 194 10.27 2.35 7.27
N HIS A 195 10.45 1.52 8.29
CA HIS A 195 11.67 1.57 9.09
C HIS A 195 12.79 0.63 8.61
N GLU A 196 13.30 0.89 7.40
CA GLU A 196 14.36 0.09 6.77
C GLU A 196 15.10 -0.80 7.75
N ILE A 197 15.24 -2.07 7.40
CA ILE A 197 15.90 -3.03 8.27
C ILE A 197 17.39 -3.25 7.91
N ALA A 198 18.26 -2.82 8.83
CA ALA A 198 19.71 -2.90 8.69
C ALA A 198 20.26 -4.14 7.97
N GLY A 199 20.56 -5.17 8.74
CA GLY A 199 21.07 -6.39 8.16
C GLY A 199 20.38 -7.51 8.92
N TRP A 200 20.87 -8.75 8.75
CA TRP A 200 20.27 -9.88 9.42
C TRP A 200 20.16 -9.87 10.93
N GLU A 201 21.09 -9.25 11.64
CA GLU A 201 20.95 -9.25 13.09
C GLU A 201 19.81 -8.35 13.49
N GLU A 202 19.59 -7.32 12.69
CA GLU A 202 18.52 -6.38 12.95
C GLU A 202 17.22 -7.12 12.65
N LEU A 203 17.18 -7.78 11.50
CA LEU A 203 16.00 -8.55 11.09
C LEU A 203 15.60 -9.51 12.21
N ARG A 204 16.56 -10.28 12.70
CA ARG A 204 16.34 -11.25 13.77
C ARG A 204 15.75 -10.52 14.98
N ARG A 205 16.39 -9.42 15.35
CA ARG A 205 15.94 -8.62 16.49
C ARG A 205 14.41 -8.47 16.61
N ARG A 206 13.77 -8.00 15.53
CA ARG A 206 12.32 -7.78 15.51
C ARG A 206 11.54 -8.96 14.93
N LEU A 207 12.17 -10.12 14.87
CA LEU A 207 11.50 -11.28 14.33
C LEU A 207 11.63 -12.46 15.29
N ALA A 208 12.68 -12.46 16.11
CA ALA A 208 12.96 -13.56 17.03
C ALA A 208 12.18 -13.58 18.34
N PRO A 209 12.19 -12.49 19.13
CA PRO A 209 11.47 -12.49 20.40
C PRO A 209 9.99 -12.85 20.29
N ALA A 210 9.46 -13.44 21.36
CA ALA A 210 8.04 -13.81 21.43
C ALA A 210 7.37 -12.54 21.93
N ASP A 211 8.18 -11.50 21.94
CA ASP A 211 7.83 -10.15 22.35
C ASP A 211 7.20 -9.60 21.07
N ARG A 212 7.84 -9.96 19.96
CA ARG A 212 7.48 -9.57 18.61
C ARG A 212 6.66 -10.61 17.85
N ARG A 213 6.29 -10.27 16.61
CA ARG A 213 5.51 -11.13 15.74
C ARG A 213 5.31 -10.46 14.38
N CYS A 214 5.10 -11.24 13.34
CA CYS A 214 4.95 -10.69 11.99
C CYS A 214 4.18 -11.60 11.04
N PHE A 215 3.29 -11.01 10.24
CA PHE A 215 2.48 -11.78 9.28
C PHE A 215 2.55 -11.26 7.85
N ALA A 216 2.45 -12.17 6.89
CA ALA A 216 2.50 -11.82 5.48
C ALA A 216 1.40 -12.53 4.69
N PHE A 217 1.01 -11.97 3.55
CA PHE A 217 0.01 -12.57 2.67
C PHE A 217 0.77 -13.27 1.53
N PHE A 218 0.43 -14.52 1.24
CA PHE A 218 1.09 -15.27 0.16
C PHE A 218 0.09 -15.85 -0.83
N HIS A 219 0.40 -15.74 -2.12
CA HIS A 219 -0.50 -16.30 -3.12
C HIS A 219 0.13 -17.61 -3.56
N PRO A 220 -0.69 -18.67 -3.66
CA PRO A 220 -0.21 -19.98 -4.08
C PRO A 220 0.79 -20.05 -5.26
N ARG A 221 0.59 -19.26 -6.31
CA ARG A 221 1.53 -19.28 -7.45
C ARG A 221 2.90 -18.73 -7.08
N LEU A 222 2.97 -17.47 -6.68
CA LEU A 222 4.24 -16.87 -6.28
C LEU A 222 4.80 -17.73 -5.13
N ARG A 223 4.09 -17.71 -4.01
CA ARG A 223 4.38 -18.50 -2.81
C ARG A 223 5.75 -18.36 -2.09
N ASP A 224 6.82 -18.03 -2.80
CA ASP A 224 8.09 -17.87 -2.11
C ASP A 224 8.36 -16.40 -1.80
N ASP A 225 7.59 -15.52 -2.43
CA ASP A 225 7.71 -14.08 -2.21
C ASP A 225 6.33 -13.61 -1.79
N PRO A 226 6.24 -12.94 -0.64
CA PRO A 226 4.99 -12.42 -0.07
C PRO A 226 4.47 -11.20 -0.82
N LEU A 227 3.20 -10.86 -0.59
CA LEU A 227 2.58 -9.71 -1.24
C LEU A 227 2.67 -8.50 -0.34
N VAL A 228 2.26 -8.66 0.91
CA VAL A 228 2.32 -7.57 1.86
C VAL A 228 2.55 -8.17 3.23
N PHE A 229 3.19 -7.43 4.13
CA PHE A 229 3.43 -7.93 5.47
C PHE A 229 3.41 -6.83 6.49
N VAL A 230 3.23 -7.21 7.73
CA VAL A 230 3.19 -6.24 8.81
C VAL A 230 4.01 -6.75 9.97
N GLU A 231 4.61 -5.82 10.71
CA GLU A 231 5.41 -6.16 11.86
C GLU A 231 4.66 -5.69 13.08
N VAL A 232 4.51 -6.57 14.06
CA VAL A 232 3.81 -6.17 15.27
C VAL A 232 4.65 -6.30 16.53
N ALA A 233 4.32 -5.46 17.49
CA ALA A 233 4.99 -5.44 18.76
C ALA A 233 3.91 -5.61 19.79
N LEU A 234 4.06 -6.65 20.60
CA LEU A 234 3.13 -6.94 21.67
C LEU A 234 3.68 -6.19 22.87
N THR A 235 2.83 -5.42 23.54
CA THR A 235 3.29 -4.62 24.67
C THR A 235 2.28 -4.36 25.79
N ARG A 236 2.70 -3.53 26.74
CA ARG A 236 1.89 -3.16 27.91
C ARG A 236 1.48 -1.69 27.84
N SER A 237 1.64 -1.09 26.67
CA SER A 237 1.27 0.33 26.50
C SER A 237 1.29 0.74 25.04
N ILE A 238 1.04 2.01 24.77
CA ILE A 238 1.05 2.51 23.40
C ILE A 238 2.30 3.35 23.18
N PRO A 239 3.15 2.92 22.23
CA PRO A 239 4.38 3.67 21.96
C PRO A 239 4.15 5.04 21.30
N SER A 240 5.12 5.92 21.50
CA SER A 240 5.07 7.26 20.94
C SER A 240 6.27 7.39 20.00
N ALA A 241 7.39 6.79 20.39
CA ALA A 241 8.59 6.84 19.57
C ALA A 241 8.91 5.46 18.98
N ILE A 242 9.11 5.40 17.67
CA ILE A 242 9.44 4.12 17.04
C ILE A 242 10.71 3.59 17.70
N ALA A 243 11.54 4.52 18.15
CA ALA A 243 12.78 4.19 18.82
C ALA A 243 12.55 3.24 20.00
N ASP A 244 11.46 3.46 20.73
CA ASP A 244 11.14 2.60 21.85
C ASP A 244 11.00 1.17 21.37
N VAL A 245 10.10 0.99 20.42
CA VAL A 245 9.84 -0.34 19.86
C VAL A 245 11.06 -1.05 19.25
N LEU A 246 12.02 -0.30 18.70
CA LEU A 246 13.18 -0.90 18.04
C LEU A 246 14.46 -1.21 18.82
N ASP A 247 14.87 -0.32 19.72
CA ASP A 247 16.09 -0.53 20.51
C ASP A 247 16.13 -1.91 21.13
N GLU A 248 17.25 -2.61 20.94
CA GLU A 248 17.44 -3.95 21.50
C GLU A 248 17.50 -3.83 23.01
N SER A 249 18.03 -2.71 23.48
CA SER A 249 18.12 -2.46 24.91
C SER A 249 16.74 -2.37 25.53
N ARG A 250 15.71 -2.53 24.71
CA ARG A 250 14.32 -2.49 25.17
C ARG A 250 14.12 -3.62 26.18
N ASP A 251 13.02 -3.58 26.91
CA ASP A 251 12.77 -4.64 27.87
C ASP A 251 11.69 -5.52 27.27
N HIS A 252 11.99 -6.81 27.11
CA HIS A 252 11.03 -7.78 26.56
C HIS A 252 10.00 -8.17 27.62
N ILE A 253 8.75 -8.39 27.21
CA ILE A 253 7.69 -8.82 28.12
C ILE A 253 7.09 -10.14 27.63
N GLY A 254 6.53 -10.90 28.56
CA GLY A 254 5.93 -12.16 28.20
C GLY A 254 4.88 -11.94 27.14
N ALA A 255 4.95 -12.73 26.07
CA ALA A 255 4.01 -12.61 24.95
C ALA A 255 2.57 -12.46 25.42
N ASP A 256 2.15 -13.31 26.35
CA ASP A 256 0.80 -13.28 26.87
C ASP A 256 0.54 -12.25 27.95
N THR A 257 1.60 -11.67 28.52
CA THR A 257 1.42 -10.63 29.54
C THR A 257 1.19 -9.30 28.81
N ALA A 258 1.12 -9.39 27.49
CA ALA A 258 0.91 -8.25 26.61
C ALA A 258 -0.55 -7.85 26.63
N THR A 259 -0.80 -6.55 26.78
CA THR A 259 -2.16 -6.01 26.83
C THR A 259 -2.60 -5.44 25.46
N THR A 260 -1.69 -4.77 24.74
CA THR A 260 -1.99 -4.19 23.43
C THR A 260 -1.04 -4.60 22.26
N ALA A 261 -1.58 -4.61 21.05
CA ALA A 261 -0.83 -4.97 19.84
C ALA A 261 -0.49 -3.70 19.06
N VAL A 262 0.74 -3.60 18.57
CA VAL A 262 1.13 -2.39 17.83
C VAL A 262 1.66 -2.64 16.40
N PHE A 263 0.88 -2.25 15.42
CA PHE A 263 1.28 -2.42 14.05
C PHE A 263 2.28 -1.31 13.76
N TYR A 264 3.57 -1.61 13.75
CA TYR A 264 4.52 -0.54 13.51
C TYR A 264 5.11 -0.39 12.11
N SER A 265 4.63 -1.19 11.16
CA SER A 265 5.16 -1.11 9.82
C SER A 265 4.55 -2.10 8.84
N ILE A 266 3.87 -1.59 7.82
CA ILE A 266 3.23 -2.39 6.77
C ILE A 266 4.04 -2.19 5.50
N SER A 267 4.10 -3.21 4.64
CA SER A 267 4.87 -3.06 3.41
C SER A 267 4.37 -3.93 2.27
N ASN A 268 4.25 -3.31 1.11
CA ASN A 268 3.81 -4.02 -0.08
C ASN A 268 5.10 -4.43 -0.78
N CYS A 269 5.18 -5.71 -1.14
CA CYS A 269 6.39 -6.26 -1.76
C CYS A 269 6.31 -6.26 -3.27
N GLN A 270 5.15 -6.59 -3.78
CA GLN A 270 4.95 -6.64 -5.22
C GLN A 270 4.64 -5.25 -5.75
N ASP A 271 5.44 -4.78 -6.70
CA ASP A 271 5.18 -3.46 -7.27
C ASP A 271 4.20 -3.62 -8.43
N GLY A 272 4.32 -4.72 -9.17
CA GLY A 272 3.43 -4.94 -10.28
C GLY A 272 2.01 -5.25 -9.83
N LEU A 273 1.76 -5.11 -8.53
CA LEU A 273 0.45 -5.38 -7.95
C LEU A 273 -0.05 -4.08 -7.32
N ARG A 274 0.62 -2.99 -7.70
CA ARG A 274 0.31 -1.64 -7.24
C ARG A 274 -1.10 -1.36 -7.70
N GLY A 275 -1.99 -1.16 -6.75
CA GLY A 275 -3.37 -0.91 -7.11
C GLY A 275 -4.28 -2.07 -6.70
N ILE A 276 -3.77 -3.28 -6.79
CA ILE A 276 -4.53 -4.46 -6.40
C ILE A 276 -4.44 -4.56 -4.86
N SER A 277 -4.79 -3.46 -4.19
CA SER A 277 -4.70 -3.36 -2.72
C SER A 277 -5.41 -4.41 -1.87
N PHE A 278 -4.71 -4.76 -0.78
CA PHE A 278 -5.18 -5.75 0.18
C PHE A 278 -4.57 -5.58 1.57
N GLY A 279 -3.61 -4.68 1.73
CA GLY A 279 -3.03 -4.48 3.05
C GLY A 279 -4.21 -4.16 3.96
N ASN A 280 -5.23 -3.61 3.34
CA ASN A 280 -6.46 -3.23 3.99
C ASN A 280 -7.11 -4.42 4.71
N PHE A 281 -6.80 -5.62 4.23
CA PHE A 281 -7.30 -6.87 4.81
C PHE A 281 -6.35 -7.29 5.93
N LEU A 282 -5.12 -7.56 5.54
CA LEU A 282 -4.07 -7.98 6.46
C LEU A 282 -4.30 -7.53 7.89
N ILE A 283 -4.53 -6.25 8.10
CA ILE A 283 -4.76 -5.77 9.46
C ILE A 283 -5.99 -6.45 10.06
N LYS A 284 -7.14 -6.30 9.39
CA LYS A 284 -8.40 -6.90 9.84
C LYS A 284 -8.19 -8.36 10.22
N GLN A 285 -7.42 -9.09 9.41
CA GLN A 285 -7.16 -10.48 9.70
C GLN A 285 -6.31 -10.60 10.97
N VAL A 286 -5.06 -10.19 10.87
CA VAL A 286 -4.11 -10.23 11.98
C VAL A 286 -4.72 -9.91 13.34
N VAL A 287 -5.36 -8.77 13.47
CA VAL A 287 -5.94 -8.40 14.76
C VAL A 287 -6.77 -9.54 15.32
N GLU A 288 -7.51 -10.21 14.44
CA GLU A 288 -8.37 -11.31 14.84
C GLU A 288 -7.62 -12.57 15.26
N ASP A 289 -6.57 -12.92 14.54
CA ASP A 289 -5.80 -14.10 14.89
C ASP A 289 -5.07 -13.87 16.18
N LEU A 290 -4.87 -12.60 16.52
CA LEU A 290 -4.19 -12.27 17.76
C LEU A 290 -5.22 -12.51 18.87
N ARG A 291 -6.45 -12.06 18.64
CA ARG A 291 -7.54 -12.24 19.59
C ARG A 291 -7.52 -13.70 20.05
N ARG A 292 -7.58 -14.62 19.09
CA ARG A 292 -7.58 -16.04 19.40
C ARG A 292 -6.36 -16.41 20.22
N ASP A 293 -5.21 -16.49 19.58
CA ASP A 293 -3.96 -16.89 20.23
C ASP A 293 -3.61 -16.19 21.56
N LEU A 294 -3.90 -14.90 21.68
CA LEU A 294 -3.61 -14.16 22.90
C LEU A 294 -4.82 -13.30 23.26
N PRO A 295 -5.78 -13.88 24.00
CA PRO A 295 -6.99 -13.17 24.42
C PRO A 295 -6.69 -12.03 25.38
N GLY A 296 -5.43 -11.93 25.78
CA GLY A 296 -5.02 -10.88 26.69
C GLY A 296 -4.86 -9.52 26.02
N LEU A 297 -4.84 -9.52 24.68
CA LEU A 297 -4.70 -8.29 23.92
C LEU A 297 -6.04 -7.59 23.95
N LYS A 298 -6.05 -6.31 24.31
CA LYS A 298 -7.27 -5.53 24.39
C LYS A 298 -7.26 -4.38 23.41
N GLU A 299 -6.08 -3.81 23.16
CA GLU A 299 -5.96 -2.71 22.21
C GLU A 299 -5.27 -3.13 20.92
N PHE A 300 -5.53 -2.39 19.86
CA PHE A 300 -4.90 -2.63 18.56
C PHE A 300 -4.64 -1.28 17.93
N VAL A 301 -3.39 -0.82 18.09
CA VAL A 301 -2.96 0.47 17.57
C VAL A 301 -1.91 0.33 16.49
N THR A 302 -1.39 1.47 16.08
CA THR A 302 -0.35 1.53 15.08
C THR A 302 0.56 2.68 15.45
N LEU A 303 1.84 2.53 15.14
CA LEU A 303 2.83 3.57 15.35
C LEU A 303 3.18 3.88 13.90
N SER A 304 2.30 4.64 13.26
CA SER A 304 2.44 5.00 11.85
C SER A 304 3.34 6.21 11.58
N PRO A 305 3.78 6.38 10.33
CA PRO A 305 4.66 7.47 9.86
C PRO A 305 4.06 8.84 9.43
N VAL A 306 3.10 8.84 8.53
CA VAL A 306 2.50 10.10 8.05
C VAL A 306 3.50 11.04 7.36
N PRO A 307 3.89 10.70 6.12
CA PRO A 307 4.83 11.47 5.29
C PRO A 307 4.08 12.62 4.63
N GLY A 308 4.73 13.31 3.70
CA GLY A 308 4.04 14.40 3.05
C GLY A 308 3.30 15.34 4.00
N PHE A 309 3.87 15.50 5.19
CA PHE A 309 3.33 16.41 6.18
C PHE A 309 4.26 17.60 6.15
N ALA A 310 5.55 17.33 6.01
CA ALA A 310 6.55 18.39 5.93
C ALA A 310 6.26 19.07 4.60
N ARG A 311 5.98 18.25 3.60
CA ARG A 311 5.65 18.73 2.27
C ARG A 311 4.56 19.78 2.45
N TRP A 312 3.51 19.43 3.19
CA TRP A 312 2.41 20.35 3.46
C TRP A 312 2.95 21.63 4.07
N ILE A 313 3.67 21.51 5.18
CA ILE A 313 4.26 22.66 5.86
C ILE A 313 4.91 23.64 4.88
N SER A 314 5.62 23.12 3.88
CA SER A 314 6.27 24.01 2.92
C SER A 314 5.22 24.88 2.24
N LYS A 315 4.09 24.26 1.94
CA LYS A 315 2.98 24.93 1.26
C LYS A 315 2.35 26.01 2.11
N ILE A 316 2.40 25.83 3.41
CA ILE A 316 1.81 26.79 4.33
C ILE A 316 2.70 27.99 4.57
N ARG A 317 4.01 27.75 4.67
CA ARG A 317 4.96 28.82 4.91
C ARG A 317 4.97 29.80 3.72
N ASP A 318 4.48 29.36 2.56
CA ASP A 318 4.44 30.25 1.40
C ASP A 318 3.33 31.26 1.67
N PRO A 319 3.66 32.56 1.76
CA PRO A 319 2.63 33.56 2.02
C PRO A 319 1.45 33.40 1.07
N LYS A 320 1.76 32.98 -0.16
CA LYS A 320 0.77 32.77 -1.21
C LYS A 320 -0.18 31.61 -0.87
N SER A 321 0.07 30.97 0.28
CA SER A 321 -0.78 29.85 0.71
C SER A 321 -2.19 30.34 0.96
N GLY A 322 -2.29 31.57 1.45
CA GLY A 322 -3.58 32.13 1.76
C GLY A 322 -3.96 31.47 3.07
N PHE A 323 -2.95 30.95 3.76
CA PHE A 323 -3.18 30.28 5.02
C PHE A 323 -2.82 31.19 6.21
N PRO A 324 -3.70 31.25 7.22
CA PRO A 324 -3.46 32.08 8.39
C PRO A 324 -2.19 31.72 9.14
N LEU A 325 -1.39 32.74 9.42
CA LEU A 325 -0.16 32.54 10.16
C LEU A 325 0.27 33.84 10.80
N SER A 326 0.37 33.82 12.11
CA SER A 326 0.78 34.99 12.86
C SER A 326 2.22 35.31 12.52
N PRO A 327 2.54 36.60 12.37
CA PRO A 327 3.94 36.90 12.05
C PRO A 327 4.86 36.17 13.04
N GLU A 328 4.30 35.85 14.20
CA GLU A 328 5.02 35.15 15.27
C GLU A 328 5.16 33.68 14.93
N ASP A 329 4.15 33.11 14.28
CA ASP A 329 4.18 31.70 13.88
C ASP A 329 5.28 31.55 12.84
N ARG A 330 5.10 32.25 11.73
CA ARG A 330 6.02 32.25 10.61
C ARG A 330 7.44 32.36 11.12
N ASN A 331 7.61 33.11 12.20
CA ASN A 331 8.92 33.35 12.81
C ASN A 331 9.44 32.21 13.68
N THR A 332 8.58 31.23 13.96
CA THR A 332 8.95 30.09 14.81
C THR A 332 9.24 28.85 13.95
N LEU A 333 8.64 28.82 12.76
CA LEU A 333 8.79 27.73 11.81
C LEU A 333 10.04 27.91 10.96
N VAL A 334 10.72 29.03 11.14
CA VAL A 334 11.96 29.31 10.41
C VAL A 334 13.03 28.49 11.16
N LEU A 335 12.58 27.77 12.17
CA LEU A 335 13.45 26.93 12.99
C LEU A 335 13.61 25.55 12.38
N LEU A 336 12.64 25.15 11.56
CA LEU A 336 12.67 23.85 10.91
C LEU A 336 13.77 23.81 9.87
N ASP A 337 14.02 24.96 9.25
CA ASP A 337 15.05 25.07 8.22
C ASP A 337 16.45 24.77 8.73
N ASP A 338 16.59 24.65 10.04
CA ASP A 338 17.88 24.30 10.62
C ASP A 338 17.69 22.86 11.06
N PRO A 339 18.46 21.93 10.49
CA PRO A 339 18.34 20.50 10.85
C PRO A 339 18.67 20.11 12.30
N THR A 340 18.60 21.05 13.23
CA THR A 340 18.90 20.74 14.62
C THR A 340 17.75 20.96 15.62
N TRP A 341 17.33 19.88 16.26
CA TRP A 341 16.27 19.93 17.24
C TRP A 341 16.76 19.84 18.68
N PRO A 342 17.70 18.91 18.96
CA PRO A 342 18.25 18.74 20.31
C PRO A 342 18.75 20.05 20.90
N GLU A 343 19.68 20.67 20.17
CA GLU A 343 20.28 21.94 20.57
C GLU A 343 19.20 22.87 21.12
N ASP A 344 19.37 23.30 22.36
CA ASP A 344 18.42 24.17 23.01
C ASP A 344 17.08 23.43 22.97
N LYS A 345 16.88 22.51 23.91
CA LYS A 345 15.63 21.76 23.97
C LYS A 345 14.49 22.76 23.78
N ALA A 346 14.70 23.98 24.25
CA ALA A 346 13.72 25.05 24.14
C ALA A 346 13.32 25.26 22.69
N ARG A 347 14.29 25.11 21.79
CA ARG A 347 14.04 25.28 20.37
C ARG A 347 12.91 24.32 19.96
N ALA A 348 13.15 23.01 20.08
CA ALA A 348 12.14 22.02 19.71
C ALA A 348 10.84 22.30 20.44
N ASP A 349 10.96 22.64 21.71
CA ASP A 349 9.82 22.94 22.58
C ASP A 349 8.89 23.96 21.96
N ALA A 350 9.48 25.03 21.43
CA ALA A 350 8.74 26.10 20.80
C ALA A 350 8.20 25.68 19.44
N VAL A 351 8.83 24.67 18.83
CA VAL A 351 8.41 24.15 17.53
C VAL A 351 7.18 23.27 17.78
N GLU A 352 7.31 22.43 18.78
CA GLU A 352 6.26 21.51 19.21
C GLU A 352 4.95 22.26 19.42
N ARG A 353 5.04 23.34 20.17
CA ARG A 353 3.90 24.17 20.50
C ARG A 353 3.03 24.54 19.29
N ILE A 354 3.66 24.82 18.15
CA ILE A 354 2.87 25.18 16.97
C ILE A 354 2.77 24.08 15.93
N LEU A 355 3.49 22.98 16.11
CA LEU A 355 3.43 21.91 15.13
C LEU A 355 2.23 21.00 15.35
N LEU A 356 2.11 20.43 16.54
CA LEU A 356 0.99 19.54 16.84
C LEU A 356 -0.37 20.11 16.39
N PRO A 357 -0.73 21.32 16.86
CA PRO A 357 -2.03 21.88 16.43
C PRO A 357 -2.08 22.05 14.93
N LEU A 358 -0.95 22.44 14.35
CA LEU A 358 -0.88 22.60 12.91
C LEU A 358 -1.23 21.24 12.31
N ALA A 359 -0.63 20.20 12.87
CA ALA A 359 -0.85 18.82 12.43
C ALA A 359 -2.30 18.45 12.62
N ALA A 360 -2.79 18.61 13.85
CA ALA A 360 -4.18 18.30 14.18
C ALA A 360 -5.04 18.90 13.09
N ARG A 361 -4.69 20.14 12.73
CA ARG A 361 -5.38 20.88 11.67
C ARG A 361 -5.19 20.11 10.36
N TYR A 362 -3.94 19.84 10.02
CA TYR A 362 -3.60 19.07 8.82
C TYR A 362 -4.64 17.96 8.79
N PHE A 363 -4.48 17.00 9.68
CA PHE A 363 -5.38 15.86 9.81
C PHE A 363 -6.87 16.14 9.82
N ILE A 364 -7.39 16.62 10.94
CA ILE A 364 -8.84 16.86 11.07
C ILE A 364 -9.57 17.59 9.93
N THR A 365 -8.90 18.53 9.27
CA THR A 365 -9.57 19.28 8.21
C THR A 365 -8.97 19.24 6.81
N GLU A 366 -7.80 19.84 6.66
CA GLU A 366 -7.14 19.90 5.37
C GLU A 366 -7.44 18.69 4.48
N ARG A 367 -8.04 18.96 3.32
CA ARG A 367 -8.37 17.93 2.36
C ARG A 367 -7.61 18.26 1.09
N THR A 368 -7.61 17.33 0.13
CA THR A 368 -6.94 17.57 -1.15
C THR A 368 -7.97 18.14 -2.10
N PRO A 369 -7.55 18.51 -3.31
CA PRO A 369 -8.48 19.08 -4.31
C PRO A 369 -9.64 18.15 -4.71
N ASP A 370 -9.56 16.88 -4.29
CA ASP A 370 -10.59 15.88 -4.57
C ASP A 370 -11.34 15.63 -3.26
N ASN A 371 -10.95 16.41 -2.26
CA ASN A 371 -11.53 16.34 -0.93
C ASN A 371 -11.32 15.02 -0.21
N ARG A 372 -10.08 14.79 0.19
CA ARG A 372 -9.69 13.59 0.94
C ARG A 372 -8.57 14.02 1.87
N PRO A 373 -8.29 13.21 2.91
CA PRO A 373 -7.22 13.54 3.86
C PRO A 373 -5.89 13.61 3.14
N VAL A 374 -5.20 14.74 3.31
CA VAL A 374 -3.93 14.99 2.63
C VAL A 374 -2.85 13.91 2.73
N ASP A 375 -2.72 13.29 3.89
CA ASP A 375 -1.70 12.26 4.05
C ASP A 375 -2.11 10.94 3.41
N PRO A 376 -1.14 10.25 2.77
CA PRO A 376 -1.35 8.97 2.10
C PRO A 376 -1.61 7.78 3.05
N VAL A 377 -0.90 7.71 4.18
CA VAL A 377 -1.12 6.61 5.12
C VAL A 377 -2.31 6.90 5.97
N ALA A 378 -2.82 8.13 5.88
CA ALA A 378 -4.01 8.52 6.63
C ALA A 378 -5.18 7.93 5.86
N ARG A 379 -5.19 8.20 4.57
CA ARG A 379 -6.24 7.66 3.73
C ARG A 379 -6.28 6.14 3.90
N PHE A 380 -5.22 5.57 4.44
CA PHE A 380 -5.16 4.14 4.65
C PHE A 380 -5.86 3.72 5.92
N HIS A 381 -5.27 4.06 7.05
CA HIS A 381 -5.85 3.67 8.32
C HIS A 381 -7.28 4.19 8.48
N LEU A 382 -7.55 5.39 7.95
CA LEU A 382 -8.89 5.93 8.07
C LEU A 382 -9.83 5.18 7.13
N GLY A 383 -9.35 4.87 5.94
CA GLY A 383 -10.16 4.13 4.98
C GLY A 383 -10.42 2.71 5.48
N ASN A 384 -9.86 2.39 6.63
CA ASN A 384 -10.06 1.08 7.22
C ASN A 384 -10.70 1.26 8.56
N GLY A 385 -11.43 2.36 8.70
CA GLY A 385 -12.16 2.65 9.92
C GLY A 385 -11.35 2.72 11.19
N ALA A 386 -10.15 3.29 11.12
CA ALA A 386 -9.32 3.42 12.31
C ALA A 386 -9.59 4.81 12.86
N ARG A 387 -8.97 5.12 13.98
CA ARG A 387 -9.15 6.41 14.61
C ARG A 387 -7.82 7.09 14.92
N LEU A 388 -7.73 8.38 14.63
CA LEU A 388 -6.52 9.13 14.92
C LEU A 388 -6.50 9.25 16.44
N GLU A 389 -5.68 8.45 17.13
CA GLU A 389 -5.66 8.49 18.58
C GLU A 389 -4.80 9.59 19.19
N ARG A 390 -3.56 9.72 18.76
CA ARG A 390 -2.70 10.77 19.30
C ARG A 390 -1.52 11.09 18.39
N LEU A 391 -0.95 12.27 18.57
CA LEU A 391 0.20 12.69 17.77
C LEU A 391 1.49 12.49 18.58
N ASN A 392 2.55 12.05 17.91
CA ASN A 392 3.83 11.82 18.55
C ASN A 392 4.91 12.73 17.97
N PHE A 393 5.14 13.85 18.64
CA PHE A 393 6.13 14.83 18.22
C PHE A 393 7.52 14.23 18.34
N LEU A 394 8.26 14.20 17.24
CA LEU A 394 9.63 13.67 17.24
C LEU A 394 9.68 12.17 17.57
N GLY A 395 8.71 11.41 17.07
CA GLY A 395 8.69 9.98 17.33
C GLY A 395 9.82 9.26 16.62
N ASP A 396 10.08 9.67 15.38
CA ASP A 396 11.11 9.03 14.56
C ASP A 396 12.52 9.55 14.76
N ARG A 397 12.80 10.76 14.28
CA ARG A 397 14.13 11.32 14.41
C ARG A 397 15.06 10.78 13.33
N SER A 398 14.56 9.82 12.55
CA SER A 398 15.32 9.22 11.47
C SER A 398 15.40 10.24 10.34
N VAL A 399 16.42 10.14 9.51
CA VAL A 399 16.59 11.08 8.39
C VAL A 399 15.39 11.13 7.47
N LYS A 400 14.82 9.97 7.14
CA LYS A 400 13.67 9.94 6.24
C LYS A 400 12.49 10.71 6.83
N ALA A 401 12.12 10.40 8.07
CA ALA A 401 10.98 11.06 8.71
C ALA A 401 11.22 12.53 9.03
N MSE A 402 12.49 12.88 9.19
CA MSE A 402 12.84 14.25 9.48
C MSE A 402 12.53 15.09 8.26
O MSE A 402 12.09 16.23 8.37
CB MSE A 402 14.31 14.36 9.82
CG MSE A 402 14.63 13.87 11.22
SE MSE A 402 13.53 14.79 12.53
CE MSE A 402 13.83 16.62 11.91
N ARG A 403 12.76 14.49 7.09
CA ARG A 403 12.51 15.13 5.80
C ARG A 403 11.08 14.86 5.31
N GLN A 404 10.54 13.71 5.68
CA GLN A 404 9.19 13.33 5.29
C GLN A 404 8.16 14.17 6.03
N ALA A 405 8.41 14.37 7.33
CA ALA A 405 7.49 15.11 8.20
C ALA A 405 8.09 15.46 9.56
N HIS A 406 9.22 16.16 9.53
CA HIS A 406 9.96 16.61 10.72
C HIS A 406 9.86 15.76 11.98
N GLY A 407 10.10 14.46 11.83
CA GLY A 407 10.07 13.54 12.96
C GLY A 407 8.73 13.14 13.51
N LEU A 408 7.65 13.79 13.08
CA LEU A 408 6.34 13.44 13.60
C LEU A 408 5.95 12.00 13.31
N MSE A 409 5.03 11.50 14.13
CA MSE A 409 4.50 10.15 14.00
C MSE A 409 3.19 10.14 14.74
O MSE A 409 3.02 10.88 15.71
CB MSE A 409 5.42 9.13 14.64
CG MSE A 409 6.58 8.67 13.78
SE MSE A 409 7.26 6.96 14.40
CE MSE A 409 6.20 5.81 13.28
N VAL A 410 2.26 9.30 14.28
CA VAL A 410 0.94 9.21 14.91
C VAL A 410 0.50 7.77 15.22
N ASN A 411 -0.48 7.63 16.11
CA ASN A 411 -1.04 6.34 16.45
C ASN A 411 -2.48 6.28 15.98
N TYR A 412 -2.81 5.27 15.20
CA TYR A 412 -4.18 5.12 14.74
C TYR A 412 -4.76 3.98 15.58
N LEU A 413 -6.05 4.05 15.87
CA LEU A 413 -6.70 3.04 16.69
C LEU A 413 -7.71 2.20 15.93
N TYR A 414 -7.74 0.92 16.26
CA TYR A 414 -8.66 0.01 15.62
C TYR A 414 -9.62 -0.58 16.67
N LYS A 415 -10.60 0.24 17.07
CA LYS A 415 -11.61 -0.13 18.06
C LYS A 415 -12.57 -1.14 17.42
N LEU A 416 -13.08 -2.05 18.25
CA LEU A 416 -14.00 -3.09 17.79
C LEU A 416 -15.25 -2.60 17.03
N GLU A 417 -16.19 -1.97 17.74
CA GLU A 417 -17.43 -1.49 17.13
C GLU A 417 -17.22 -0.30 16.18
N ASP A 418 -16.41 0.66 16.62
CA ASP A 418 -16.12 1.85 15.82
C ASP A 418 -15.20 1.40 14.69
N ILE A 419 -15.77 1.26 13.50
CA ILE A 419 -14.99 0.84 12.34
C ILE A 419 -15.82 0.98 11.07
N GLU A 420 -17.03 0.43 11.06
CA GLU A 420 -17.89 0.58 9.89
C GLU A 420 -18.58 1.94 10.04
N THR A 421 -18.71 2.38 11.28
CA THR A 421 -19.32 3.67 11.57
C THR A 421 -18.34 4.71 11.08
N ASN A 422 -17.11 4.65 11.60
CA ASN A 422 -16.05 5.59 11.23
C ASN A 422 -15.83 5.54 9.73
N HIS A 423 -15.81 4.34 9.18
CA HIS A 423 -15.60 4.19 7.76
C HIS A 423 -16.69 4.94 7.00
N GLU A 424 -17.81 5.20 7.65
CA GLU A 424 -18.91 5.92 7.02
C GLU A 424 -18.68 7.41 7.18
N ALA A 425 -18.36 7.84 8.40
CA ALA A 425 -18.09 9.25 8.66
C ALA A 425 -17.22 9.79 7.52
N LEU A 426 -16.16 9.05 7.22
CA LEU A 426 -15.21 9.40 6.16
C LEU A 426 -15.82 9.20 4.77
N ALA A 427 -15.96 7.94 4.37
CA ALA A 427 -16.52 7.56 3.07
C ALA A 427 -17.33 8.66 2.37
N GLN A 428 -18.61 8.74 2.72
CA GLN A 428 -19.50 9.73 2.12
C GLN A 428 -20.04 10.75 3.12
N ARG A 429 -19.25 11.81 3.34
CA ARG A 429 -19.58 12.90 4.25
C ARG A 429 -18.37 13.83 4.27
N GLY A 430 -17.24 13.31 4.74
CA GLY A 430 -16.04 14.11 4.81
C GLY A 430 -15.67 14.34 6.25
N GLU A 431 -15.75 13.28 7.05
CA GLU A 431 -15.40 13.36 8.47
C GLU A 431 -14.24 12.42 8.78
N VAL A 432 -13.43 12.80 9.76
CA VAL A 432 -12.26 12.03 10.18
C VAL A 432 -12.37 11.58 11.65
N ALA A 433 -12.32 10.27 11.87
CA ALA A 433 -12.43 9.72 13.23
C ALA A 433 -11.22 10.10 14.05
N ALA A 434 -11.38 11.09 14.93
CA ALA A 434 -10.30 11.55 15.78
C ALA A 434 -10.70 11.53 17.25
N SER A 435 -9.77 11.17 18.11
CA SER A 435 -10.04 11.11 19.54
C SER A 435 -10.05 12.51 20.14
N PRO A 436 -10.71 12.67 21.31
CA PRO A 436 -10.78 13.98 21.97
C PRO A 436 -9.41 14.57 22.25
N ALA A 437 -8.42 13.71 22.47
CA ALA A 437 -7.05 14.16 22.71
C ALA A 437 -6.50 14.88 21.47
N VAL A 438 -6.89 14.38 20.29
CA VAL A 438 -6.48 14.96 19.01
C VAL A 438 -7.30 16.20 18.69
N LYS A 439 -8.63 16.05 18.78
CA LYS A 439 -9.57 17.15 18.53
C LYS A 439 -9.17 18.32 19.42
N ALA A 440 -8.84 17.99 20.67
CA ALA A 440 -8.42 18.96 21.69
C ALA A 440 -7.49 20.03 21.12
N LEU A 441 -6.45 19.61 20.41
CA LEU A 441 -5.51 20.54 19.82
C LEU A 441 -6.21 21.37 18.75
N GLN A 442 -7.49 21.04 18.52
CA GLN A 442 -8.34 21.72 17.54
C GLN A 442 -7.76 23.08 17.13
N GLY A 443 -8.03 24.10 17.95
CA GLY A 443 -7.53 25.43 17.68
C GLY A 443 -6.53 25.87 18.74
N LYS A 444 -5.31 26.13 18.31
CA LYS A 444 -4.25 26.57 19.20
C LYS A 444 -3.27 27.42 18.39
NI NI B . -13.46 -10.13 -16.64
CL CL C . -6.34 -16.63 5.64
CL CL D . 3.82 -23.33 -12.15
#